data_4BPC
#
_entry.id   4BPC
#
_cell.length_a   94.672
_cell.length_b   94.672
_cell.length_c   123.423
_cell.angle_alpha   90.00
_cell.angle_beta   90.00
_cell.angle_gamma   120.00
#
_symmetry.space_group_name_H-M   'P 61'
#
loop_
_entity.id
_entity.type
_entity.pdbx_description
1 polymer 'RECEPTOR-TYPE TYROSINE-PROTEIN PHOSPHATASE S'
2 water water
#
_entity_poly.entity_id   1
_entity_poly.type   'polypeptide(L)'
_entity_poly.pdbx_seq_one_letter_code
;MLSHPPIPIADMAEHTERLKANDSLKLSQEYESIDPGQQFTWEHSNLEVNKPKNRYANVIAYDHSRVILQPIEGIMGSDY
INANYVDGYRRQNAYIATQGPLPETFGDFWRMVWEQRSATIVMMTRLEEKSRIKCDQYWPNRGTETYGFIQVTLLDTIEL
ATFAVRTFSLHKNGSSEKREVRQFQFTAWPDHGVPEYPTPFLAFLRRVKTANPPDAGPIVVH(CSO)SAGVGRTGAFIVI
DAMLERIKPEKTVDVYGHVTLMRSQRNYMVQTEDQYSFIHEALLEAVGAGNTEVPARSLYAYIQKLAQVEPGEHVTGMEL
EFKRLANSKAHTSRFISANLPANKFKNRLVNIMPYESTRVALQPIRGVEGSDYINASFIDGYRQQKAYIATQGPLAETTE
DFWRMLWENNSTIVVMLTKLREMGREKCHQYWPAERSARYQYFVVDPMAEYNMPQYILREFKVTDARDGQSRTVRQFQFT
DWPEQGVPKSGEGFIDFIGQVHKTKEQFGQDGPISVHCSAGVGRTGVFITLSIVLERMRYEGVVDIFQTVKMLRTQRPAM
VQTEDEYQFAYQAALEYLGSFDHYAT
;
_entity_poly.pdbx_strand_id   A
#
# COMPACT_ATOMS: atom_id res chain seq x y z
N LEU A 2 -19.66 29.44 -9.09
CA LEU A 2 -20.75 29.98 -8.23
C LEU A 2 -20.80 29.17 -6.96
N SER A 3 -20.30 29.75 -5.86
CA SER A 3 -20.49 29.21 -4.52
C SER A 3 -19.49 28.18 -4.00
N HIS A 4 -18.74 27.55 -4.89
CA HIS A 4 -17.74 26.58 -4.50
C HIS A 4 -16.68 26.67 -5.56
N PRO A 5 -15.88 27.71 -5.48
CA PRO A 5 -14.85 27.97 -6.49
C PRO A 5 -13.62 27.07 -6.34
N PRO A 6 -12.83 26.86 -7.42
CA PRO A 6 -11.55 26.12 -7.38
C PRO A 6 -10.65 26.51 -6.23
N ILE A 7 -9.77 25.62 -5.82
CA ILE A 7 -8.85 25.85 -4.72
C ILE A 7 -7.45 25.80 -5.24
N PRO A 8 -6.68 26.91 -5.10
CA PRO A 8 -5.30 26.92 -5.61
C PRO A 8 -4.54 25.89 -4.84
N ILE A 9 -3.60 25.20 -5.47
CA ILE A 9 -2.92 24.12 -4.74
C ILE A 9 -2.21 24.65 -3.50
N ALA A 10 -1.93 25.95 -3.47
CA ALA A 10 -1.34 26.55 -2.29
C ALA A 10 -2.25 26.53 -1.06
N ASP A 11 -3.55 26.78 -1.26
CA ASP A 11 -4.52 26.84 -0.15
C ASP A 11 -5.15 25.50 0.20
N MET A 12 -4.59 24.42 -0.33
CA MET A 12 -5.29 23.14 -0.32
C MET A 12 -5.24 22.64 1.10
N ALA A 13 -4.09 22.89 1.70
CA ALA A 13 -3.81 22.61 3.08
C ALA A 13 -4.86 23.18 3.97
N GLU A 14 -5.09 24.47 3.83
CA GLU A 14 -5.89 25.13 4.81
C GLU A 14 -7.36 24.75 4.62
N HIS A 15 -7.77 24.84 3.35
CA HIS A 15 -9.10 24.45 2.90
C HIS A 15 -9.50 23.09 3.45
N THR A 16 -8.62 22.13 3.33
CA THR A 16 -8.97 20.80 3.81
C THR A 16 -9.21 20.81 5.31
N GLU A 17 -8.31 21.45 6.05
CA GLU A 17 -8.46 21.58 7.51
C GLU A 17 -9.73 22.28 7.94
N ARG A 18 -10.14 23.28 7.17
CA ARG A 18 -11.45 23.91 7.42
C ARG A 18 -12.62 22.95 7.27
N LEU A 19 -12.64 22.20 6.15
CA LEU A 19 -13.69 21.23 5.93
C LEU A 19 -13.76 20.23 7.09
N LYS A 20 -12.60 19.94 7.67
CA LYS A 20 -12.47 18.93 8.70
C LYS A 20 -12.74 19.41 10.11
N ALA A 21 -12.67 20.73 10.29
CA ALA A 21 -13.01 21.41 11.55
C ALA A 21 -14.35 20.98 12.14
N ASN A 22 -14.37 20.86 13.47
CA ASN A 22 -15.56 20.45 14.23
C ASN A 22 -16.17 19.15 13.73
N ASP A 23 -15.33 18.12 13.66
CA ASP A 23 -15.76 16.82 13.19
C ASP A 23 -16.39 16.93 11.82
N SER A 24 -15.58 17.38 10.87
CA SER A 24 -15.95 17.48 9.45
C SER A 24 -17.31 18.12 9.14
N LEU A 25 -17.61 19.25 9.78
CA LEU A 25 -18.93 19.86 9.65
C LEU A 25 -19.16 20.49 8.28
N LYS A 26 -18.23 21.33 7.80
CA LYS A 26 -18.35 21.92 6.46
C LYS A 26 -18.12 20.91 5.29
N LEU A 27 -17.33 19.89 5.55
CA LEU A 27 -17.13 18.82 4.61
C LEU A 27 -18.49 18.21 4.37
N SER A 28 -19.13 17.83 5.46
CA SER A 28 -20.46 17.29 5.46
C SER A 28 -21.50 18.20 4.80
N GLN A 29 -21.39 19.51 4.99
CA GLN A 29 -22.43 20.39 4.42
C GLN A 29 -22.16 20.55 2.94
N GLU A 30 -20.88 20.61 2.59
CA GLU A 30 -20.46 20.71 1.22
C GLU A 30 -20.93 19.46 0.45
N TYR A 31 -20.61 18.30 1.01
CA TYR A 31 -20.98 17.00 0.43
C TYR A 31 -22.45 16.85 0.22
N GLU A 32 -23.22 17.24 1.22
CA GLU A 32 -24.71 17.05 1.13
C GLU A 32 -25.37 17.99 0.17
N SER A 33 -24.67 19.07 -0.16
CA SER A 33 -25.16 20.00 -1.13
C SER A 33 -24.92 19.55 -2.60
N ILE A 34 -24.16 18.48 -2.84
CA ILE A 34 -23.82 18.10 -4.22
C ILE A 34 -25.04 17.73 -5.01
N ASP A 35 -25.21 18.39 -6.15
CA ASP A 35 -26.44 18.22 -6.94
C ASP A 35 -26.28 18.53 -8.43
N PRO A 36 -26.37 17.52 -9.30
CA PRO A 36 -26.26 17.81 -10.74
C PRO A 36 -27.47 18.57 -11.19
N GLY A 37 -28.54 18.47 -10.40
CA GLY A 37 -29.73 19.26 -10.59
C GLY A 37 -30.44 19.05 -11.90
N GLN A 38 -30.57 17.80 -12.34
CA GLN A 38 -31.31 17.50 -13.55
C GLN A 38 -31.82 16.11 -13.48
N GLN A 39 -32.78 15.81 -14.33
CA GLN A 39 -33.52 14.56 -14.31
C GLN A 39 -32.90 13.63 -15.34
N PHE A 40 -32.76 12.35 -14.98
CA PHE A 40 -32.13 11.37 -15.85
C PHE A 40 -33.19 10.34 -16.05
N THR A 41 -32.94 9.38 -16.91
CA THR A 41 -33.78 8.21 -17.01
C THR A 41 -32.90 6.99 -16.93
N TRP A 42 -33.53 5.85 -16.67
CA TRP A 42 -32.83 4.59 -16.51
C TRP A 42 -33.68 3.48 -16.95
N GLU A 43 -34.23 3.61 -18.16
CA GLU A 43 -35.13 2.61 -18.74
C GLU A 43 -34.46 1.31 -19.00
N HIS A 44 -33.26 1.34 -19.57
CA HIS A 44 -32.62 0.06 -19.89
C HIS A 44 -32.27 -0.75 -18.67
N SER A 45 -31.78 -0.10 -17.62
CA SER A 45 -31.43 -0.84 -16.41
C SER A 45 -32.66 -1.56 -15.85
N ASN A 46 -33.85 -1.02 -16.15
CA ASN A 46 -35.08 -1.51 -15.55
C ASN A 46 -35.87 -2.48 -16.39
N LEU A 47 -35.52 -2.65 -17.67
CA LEU A 47 -36.01 -3.76 -18.44
C LEU A 47 -35.93 -5.04 -17.63
N GLU A 48 -37.02 -5.79 -17.65
CA GLU A 48 -37.02 -7.03 -16.91
C GLU A 48 -35.82 -7.97 -17.17
N VAL A 49 -35.41 -8.02 -18.41
CA VAL A 49 -34.36 -8.89 -18.88
C VAL A 49 -33.00 -8.36 -18.38
N ASN A 50 -32.96 -7.07 -18.03
CA ASN A 50 -31.74 -6.41 -17.56
C ASN A 50 -31.61 -6.32 -16.06
N LYS A 51 -32.69 -6.50 -15.34
CA LYS A 51 -32.65 -6.38 -13.87
C LYS A 51 -31.69 -7.37 -13.24
N PRO A 52 -31.70 -8.63 -13.64
CA PRO A 52 -30.70 -9.52 -13.03
C PRO A 52 -29.25 -9.22 -13.44
N LYS A 53 -29.05 -8.41 -14.45
CA LYS A 53 -27.67 -7.87 -14.78
C LYS A 53 -27.16 -6.77 -13.89
N ASN A 54 -28.01 -6.31 -13.00
CA ASN A 54 -27.67 -5.32 -11.99
C ASN A 54 -27.29 -5.98 -10.65
N ARG A 55 -26.07 -5.78 -10.17
CA ARG A 55 -25.64 -6.44 -8.91
C ARG A 55 -26.48 -5.84 -7.75
N TYR A 56 -26.72 -4.54 -7.77
CA TYR A 56 -27.58 -3.90 -6.78
C TYR A 56 -28.72 -3.26 -7.48
N ALA A 57 -29.98 -3.50 -7.08
CA ALA A 57 -31.13 -3.01 -7.84
C ALA A 57 -31.18 -1.50 -7.78
N ASN A 58 -30.60 -0.92 -6.74
CA ASN A 58 -30.59 0.47 -6.46
C ASN A 58 -29.41 1.22 -7.07
N VAL A 59 -28.53 0.51 -7.76
CA VAL A 59 -27.40 1.16 -8.44
C VAL A 59 -27.55 0.88 -9.92
N ILE A 60 -28.04 1.89 -10.64
CA ILE A 60 -28.39 1.69 -12.04
C ILE A 60 -27.50 2.54 -12.96
N ALA A 61 -27.70 2.39 -14.28
CA ALA A 61 -26.97 3.13 -15.28
C ALA A 61 -27.85 4.15 -15.99
N TYR A 62 -27.55 5.44 -15.82
CA TYR A 62 -28.32 6.46 -16.52
C TYR A 62 -28.31 6.21 -18.03
N ASP A 63 -29.45 6.44 -18.72
CA ASP A 63 -29.58 6.16 -20.17
C ASP A 63 -28.59 6.97 -20.98
N HIS A 64 -28.44 8.25 -20.67
CA HIS A 64 -27.69 9.17 -21.58
C HIS A 64 -26.14 8.95 -21.57
N SER A 65 -25.61 8.36 -20.48
CA SER A 65 -24.20 8.12 -20.37
C SER A 65 -23.87 6.66 -20.34
N ARG A 66 -24.83 5.79 -20.51
CA ARG A 66 -24.55 4.36 -20.47
C ARG A 66 -23.60 3.85 -21.55
N VAL A 67 -22.91 2.74 -21.28
CA VAL A 67 -22.05 2.12 -22.29
C VAL A 67 -22.97 1.16 -23.04
N ILE A 68 -23.05 1.29 -24.36
CA ILE A 68 -23.95 0.54 -25.19
C ILE A 68 -23.16 -0.51 -25.93
N LEU A 69 -23.54 -1.78 -25.75
CA LEU A 69 -22.85 -2.84 -26.39
C LEU A 69 -23.59 -3.08 -27.72
N GLN A 70 -22.89 -3.58 -28.73
CA GLN A 70 -23.55 -4.05 -29.98
C GLN A 70 -24.48 -5.12 -29.64
N PRO A 71 -25.66 -5.13 -30.26
CA PRO A 71 -26.59 -6.18 -29.92
C PRO A 71 -26.18 -7.56 -30.45
N ILE A 72 -26.77 -8.60 -29.89
CA ILE A 72 -26.56 -9.99 -30.28
C ILE A 72 -27.89 -10.34 -30.91
N GLU A 73 -27.80 -10.69 -32.19
CA GLU A 73 -28.95 -10.95 -33.01
C GLU A 73 -29.87 -11.92 -32.35
N GLY A 74 -31.10 -11.52 -32.15
CA GLY A 74 -32.06 -12.42 -31.57
C GLY A 74 -32.00 -12.48 -30.07
N ILE A 75 -31.11 -11.72 -29.42
CA ILE A 75 -31.17 -11.65 -27.94
C ILE A 75 -31.51 -10.23 -27.49
N MET A 76 -32.75 -10.11 -27.05
CA MET A 76 -33.26 -8.93 -26.37
C MET A 76 -32.43 -8.65 -25.13
N GLY A 77 -31.93 -7.42 -25.07
CA GLY A 77 -31.34 -6.84 -23.88
C GLY A 77 -29.83 -6.92 -23.98
N SER A 78 -29.38 -7.49 -25.08
CA SER A 78 -27.97 -7.75 -25.25
C SER A 78 -27.15 -6.51 -25.46
N ASP A 79 -27.75 -5.33 -25.61
CA ASP A 79 -26.95 -4.11 -25.66
C ASP A 79 -26.54 -3.54 -24.27
N TYR A 80 -27.01 -4.18 -23.24
CA TYR A 80 -26.96 -3.56 -21.93
C TYR A 80 -25.83 -4.08 -21.00
N ILE A 81 -25.16 -3.12 -20.37
CA ILE A 81 -24.34 -3.44 -19.22
C ILE A 81 -24.53 -2.34 -18.21
N ASN A 82 -24.42 -2.66 -16.92
CA ASN A 82 -24.49 -1.62 -15.90
C ASN A 82 -23.16 -0.86 -15.87
N ALA A 83 -23.05 0.20 -16.68
CA ALA A 83 -21.80 0.94 -16.83
C ALA A 83 -22.11 2.26 -17.41
N ASN A 84 -21.36 3.29 -17.03
CA ASN A 84 -21.49 4.63 -17.55
C ASN A 84 -20.11 5.28 -17.82
N TYR A 85 -20.01 6.07 -18.88
CA TYR A 85 -18.86 6.93 -19.08
C TYR A 85 -18.83 7.98 -18.02
N VAL A 86 -17.63 8.33 -17.54
CA VAL A 86 -17.42 9.37 -16.62
C VAL A 86 -16.23 10.22 -17.12
N ASP A 87 -16.34 11.55 -17.00
CA ASP A 87 -15.30 12.47 -17.49
C ASP A 87 -14.15 12.56 -16.57
N GLY A 88 -12.96 12.79 -17.13
CA GLY A 88 -11.82 13.18 -16.36
C GLY A 88 -11.64 14.72 -16.48
N TYR A 89 -10.45 15.24 -16.18
CA TYR A 89 -10.28 16.70 -16.33
C TYR A 89 -9.96 17.04 -17.80
N ARG A 90 -10.91 17.73 -18.46
CA ARG A 90 -10.90 17.95 -19.92
C ARG A 90 -10.50 16.67 -20.66
N ARG A 91 -11.20 15.61 -20.35
CA ARG A 91 -10.92 14.30 -20.90
C ARG A 91 -12.28 13.71 -20.91
N GLN A 92 -12.91 13.66 -22.09
CA GLN A 92 -14.30 13.31 -22.17
C GLN A 92 -14.37 11.82 -22.09
N ASN A 93 -15.34 11.29 -21.35
CA ASN A 93 -15.53 9.83 -21.23
C ASN A 93 -14.21 9.11 -21.03
N ALA A 94 -13.36 9.68 -20.18
CA ALA A 94 -12.04 9.12 -19.97
C ALA A 94 -12.07 7.79 -19.27
N TYR A 95 -13.18 7.53 -18.56
CA TYR A 95 -13.33 6.35 -17.74
C TYR A 95 -14.67 5.70 -18.02
N ILE A 96 -14.78 4.39 -17.75
CA ILE A 96 -16.07 3.71 -17.65
C ILE A 96 -16.18 3.27 -16.20
N ALA A 97 -17.22 3.73 -15.52
CA ALA A 97 -17.53 3.27 -14.14
C ALA A 97 -18.56 2.16 -14.24
N THR A 98 -18.28 0.97 -13.70
CA THR A 98 -19.17 -0.19 -13.82
C THR A 98 -19.13 -0.99 -12.54
N GLN A 99 -20.16 -1.81 -12.32
CA GLN A 99 -20.18 -2.68 -11.20
C GLN A 99 -19.19 -3.77 -11.35
N GLY A 100 -18.99 -4.53 -10.27
CA GLY A 100 -18.14 -5.74 -10.39
C GLY A 100 -19.01 -6.74 -11.12
N PRO A 101 -18.51 -7.34 -12.19
CA PRO A 101 -19.35 -8.16 -13.01
C PRO A 101 -19.94 -9.37 -12.22
N LEU A 102 -21.11 -9.84 -12.62
CA LEU A 102 -21.73 -11.03 -12.07
C LEU A 102 -21.42 -12.21 -12.99
N PRO A 103 -21.59 -13.46 -12.51
CA PRO A 103 -21.35 -14.58 -13.42
C PRO A 103 -22.06 -14.44 -14.71
N GLU A 104 -23.30 -14.01 -14.68
CA GLU A 104 -24.10 -13.89 -15.88
C GLU A 104 -23.64 -12.71 -16.77
N THR A 105 -22.75 -11.84 -16.28
CA THR A 105 -22.37 -10.70 -17.07
C THR A 105 -20.93 -10.64 -17.36
N PHE A 106 -20.21 -11.73 -17.01
CA PHE A 106 -18.79 -11.81 -17.38
C PHE A 106 -18.57 -11.58 -18.87
N GLY A 107 -19.40 -12.21 -19.73
CA GLY A 107 -19.25 -12.07 -21.19
C GLY A 107 -19.52 -10.63 -21.68
N ASP A 108 -20.54 -9.99 -21.09
CA ASP A 108 -20.85 -8.59 -21.30
C ASP A 108 -19.69 -7.65 -20.95
N PHE A 109 -19.06 -7.92 -19.80
CA PHE A 109 -17.97 -7.10 -19.33
C PHE A 109 -16.79 -7.16 -20.32
N TRP A 110 -16.41 -8.38 -20.76
CA TRP A 110 -15.33 -8.54 -21.75
C TRP A 110 -15.63 -7.96 -23.12
N ARG A 111 -16.86 -8.11 -23.55
CA ARG A 111 -17.29 -7.57 -24.78
C ARG A 111 -17.23 -6.04 -24.69
N MET A 112 -17.59 -5.51 -23.54
CA MET A 112 -17.43 -4.08 -23.29
C MET A 112 -15.96 -3.65 -23.43
N VAL A 113 -15.07 -4.31 -22.76
CA VAL A 113 -13.65 -4.00 -22.85
C VAL A 113 -13.16 -4.04 -24.32
N TRP A 114 -13.51 -5.09 -25.03
CA TRP A 114 -13.14 -5.25 -26.43
C TRP A 114 -13.73 -4.15 -27.30
N GLU A 115 -15.05 -3.93 -27.22
CA GLU A 115 -15.68 -2.99 -28.13
C GLU A 115 -15.32 -1.56 -27.80
N GLN A 116 -14.90 -1.33 -26.56
CA GLN A 116 -14.62 0.03 -26.15
C GLN A 116 -13.12 0.33 -26.27
N ARG A 117 -12.36 -0.71 -26.56
CA ARG A 117 -10.96 -0.66 -26.88
C ARG A 117 -10.20 -0.24 -25.70
N SER A 118 -10.63 -0.71 -24.56
CA SER A 118 -9.95 -0.34 -23.36
C SER A 118 -8.66 -1.16 -23.22
N ALA A 119 -7.65 -0.58 -22.61
CA ALA A 119 -6.42 -1.36 -22.42
C ALA A 119 -6.18 -1.58 -20.99
N THR A 120 -6.96 -0.88 -20.15
CA THR A 120 -6.69 -0.95 -18.72
C THR A 120 -8.00 -1.14 -17.91
N ILE A 121 -7.98 -2.04 -16.95
CA ILE A 121 -9.04 -2.24 -15.98
C ILE A 121 -8.51 -1.92 -14.61
N VAL A 122 -9.23 -1.13 -13.81
CA VAL A 122 -8.89 -0.85 -12.44
C VAL A 122 -9.92 -1.47 -11.57
N MET A 123 -9.53 -2.41 -10.74
CA MET A 123 -10.43 -3.12 -9.81
C MET A 123 -10.17 -2.70 -8.43
N MET A 124 -11.12 -1.98 -7.82
CA MET A 124 -10.89 -1.29 -6.59
C MET A 124 -11.30 -2.09 -5.36
N THR A 125 -11.18 -3.40 -5.44
CA THR A 125 -11.68 -4.22 -4.42
C THR A 125 -10.99 -5.56 -4.35
N ARG A 126 -11.07 -6.20 -3.18
CA ARG A 126 -10.75 -7.63 -3.05
C ARG A 126 -11.98 -8.41 -3.50
N LEU A 127 -11.80 -9.63 -3.97
CA LEU A 127 -12.97 -10.44 -4.38
C LEU A 127 -13.95 -10.57 -3.20
N GLU A 128 -13.38 -10.85 -2.04
CA GLU A 128 -14.15 -10.92 -0.80
C GLU A 128 -13.52 -10.05 0.28
N GLU A 129 -14.36 -9.43 1.10
CA GLU A 129 -13.92 -8.55 2.18
C GLU A 129 -14.81 -8.83 3.35
N LYS A 130 -14.14 -9.28 4.41
CA LYS A 130 -14.73 -9.69 5.67
C LYS A 130 -15.95 -10.57 5.41
N SER A 131 -15.70 -11.77 4.87
CA SER A 131 -16.76 -12.76 4.50
C SER A 131 -17.63 -12.38 3.26
N ARG A 132 -18.00 -11.10 3.14
CA ARG A 132 -18.87 -10.64 2.07
C ARG A 132 -18.21 -10.61 0.65
N ILE A 133 -18.84 -11.31 -0.30
CA ILE A 133 -18.41 -11.24 -1.71
C ILE A 133 -18.72 -9.84 -2.27
N LYS A 134 -17.67 -9.17 -2.73
CA LYS A 134 -17.77 -7.82 -3.31
C LYS A 134 -17.86 -7.92 -4.86
N CYS A 135 -17.25 -8.94 -5.45
CA CYS A 135 -17.09 -9.07 -6.87
C CYS A 135 -16.82 -10.57 -7.10
N ASP A 136 -17.30 -11.16 -8.20
CA ASP A 136 -17.02 -12.55 -8.58
C ASP A 136 -15.88 -12.50 -9.59
N GLN A 137 -15.18 -13.62 -9.76
CA GLN A 137 -13.93 -13.63 -10.53
C GLN A 137 -14.22 -13.77 -11.97
N TYR A 138 -14.04 -12.69 -12.74
CA TYR A 138 -14.40 -12.70 -14.15
C TYR A 138 -13.27 -13.00 -15.12
N TRP A 139 -12.16 -13.44 -14.55
CA TRP A 139 -10.99 -13.75 -15.32
C TRP A 139 -10.51 -15.21 -15.00
N PRO A 140 -9.73 -15.81 -15.92
CA PRO A 140 -9.21 -17.20 -15.75
C PRO A 140 -8.17 -17.34 -14.66
N ASN A 141 -8.20 -18.46 -13.96
CA ASN A 141 -7.10 -18.80 -13.06
C ASN A 141 -5.77 -18.96 -13.82
N ARG A 142 -5.83 -19.43 -15.08
CA ARG A 142 -4.62 -19.54 -15.89
C ARG A 142 -5.03 -19.81 -17.30
N GLY A 143 -4.12 -19.56 -18.23
CA GLY A 143 -4.41 -19.91 -19.61
C GLY A 143 -5.59 -19.14 -20.16
N THR A 144 -6.31 -19.79 -21.05
CA THR A 144 -7.40 -19.19 -21.77
C THR A 144 -8.74 -19.69 -21.22
N GLU A 145 -9.69 -18.77 -20.99
CA GLU A 145 -11.13 -19.07 -20.88
C GLU A 145 -11.98 -18.24 -21.84
N THR A 146 -13.11 -18.80 -22.28
CA THR A 146 -14.04 -18.10 -23.15
C THR A 146 -15.25 -17.49 -22.42
N TYR A 147 -15.49 -16.20 -22.70
CA TYR A 147 -16.61 -15.49 -22.06
C TYR A 147 -17.33 -14.78 -23.16
N GLY A 148 -18.60 -15.16 -23.34
CA GLY A 148 -19.35 -14.78 -24.52
C GLY A 148 -18.53 -15.26 -25.69
N PHE A 149 -18.10 -14.35 -26.54
CA PHE A 149 -17.30 -14.73 -27.71
C PHE A 149 -15.87 -14.19 -27.64
N ILE A 150 -15.48 -13.71 -26.47
CA ILE A 150 -14.13 -13.27 -26.27
C ILE A 150 -13.35 -14.34 -25.46
N GLN A 151 -12.21 -14.71 -26.02
CA GLN A 151 -11.21 -15.55 -25.40
C GLN A 151 -10.22 -14.69 -24.66
N VAL A 152 -10.17 -14.90 -23.37
CA VAL A 152 -9.32 -14.14 -22.45
C VAL A 152 -8.17 -15.02 -21.96
N THR A 153 -6.93 -14.65 -22.30
CA THR A 153 -5.78 -15.43 -21.87
C THR A 153 -4.97 -14.70 -20.80
N LEU A 154 -4.71 -15.35 -19.66
CA LEU A 154 -3.86 -14.79 -18.62
C LEU A 154 -2.42 -15.04 -19.04
N LEU A 155 -1.73 -13.97 -19.41
CA LEU A 155 -0.31 -14.02 -19.74
C LEU A 155 0.56 -13.94 -18.53
N ASP A 156 0.15 -13.18 -17.50
CA ASP A 156 1.10 -12.89 -16.41
C ASP A 156 0.42 -12.33 -15.19
N THR A 157 0.90 -12.72 -14.00
CA THR A 157 0.44 -12.20 -12.73
C THR A 157 1.56 -11.75 -11.80
N ILE A 158 1.58 -10.44 -11.54
CA ILE A 158 2.43 -9.84 -10.54
C ILE A 158 1.58 -9.54 -9.35
N GLU A 159 2.02 -9.94 -8.20
CA GLU A 159 1.24 -9.76 -7.02
C GLU A 159 2.07 -9.23 -5.86
N LEU A 160 1.73 -8.03 -5.39
CA LEU A 160 2.56 -7.30 -4.44
C LEU A 160 1.79 -7.00 -3.23
N ALA A 161 2.38 -6.22 -2.33
CA ALA A 161 1.85 -6.06 -1.02
C ALA A 161 0.42 -5.52 -0.97
N THR A 162 0.13 -4.56 -1.86
CA THR A 162 -1.13 -3.82 -1.76
C THR A 162 -1.85 -3.76 -3.07
N PHE A 163 -1.31 -4.42 -4.07
CA PHE A 163 -2.04 -4.61 -5.26
C PHE A 163 -1.47 -5.70 -6.11
N ALA A 164 -2.24 -6.07 -7.13
CA ALA A 164 -1.83 -7.04 -8.13
C ALA A 164 -2.04 -6.47 -9.51
N VAL A 165 -1.24 -6.95 -10.46
CA VAL A 165 -1.38 -6.57 -11.84
C VAL A 165 -1.52 -7.84 -12.60
N ARG A 166 -2.55 -7.98 -13.44
CA ARG A 166 -2.65 -9.11 -14.35
C ARG A 166 -2.65 -8.72 -15.77
N THR A 167 -1.89 -9.44 -16.60
CA THR A 167 -1.81 -9.15 -17.99
C THR A 167 -2.60 -10.17 -18.79
N PHE A 168 -3.44 -9.67 -19.71
CA PHE A 168 -4.28 -10.52 -20.55
C PHE A 168 -4.12 -10.23 -21.98
N SER A 169 -4.36 -11.28 -22.78
CA SER A 169 -4.55 -11.13 -24.21
C SER A 169 -5.99 -11.51 -24.54
N LEU A 170 -6.61 -10.78 -25.45
CA LEU A 170 -8.02 -10.99 -25.79
C LEU A 170 -8.04 -11.24 -27.26
N HIS A 171 -8.90 -12.16 -27.66
CA HIS A 171 -9.09 -12.57 -29.02
C HIS A 171 -10.55 -12.95 -29.24
N LYS A 172 -11.20 -12.27 -30.16
CA LYS A 172 -12.59 -12.58 -30.53
C LYS A 172 -12.44 -13.57 -31.70
N ASN A 173 -13.25 -14.62 -31.73
CA ASN A 173 -13.13 -15.63 -32.81
C ASN A 173 -13.47 -15.10 -34.19
N GLY A 174 -12.64 -15.42 -35.17
CA GLY A 174 -12.86 -14.95 -36.54
C GLY A 174 -11.82 -13.96 -37.04
N SER A 175 -11.48 -12.99 -36.20
CA SER A 175 -10.42 -12.03 -36.54
C SER A 175 -9.09 -12.51 -35.96
N SER A 176 -8.00 -12.17 -36.64
CA SER A 176 -6.66 -12.42 -36.09
C SER A 176 -6.33 -11.39 -34.97
N GLU A 177 -7.11 -10.30 -34.89
CA GLU A 177 -6.91 -9.31 -33.85
C GLU A 177 -6.67 -9.96 -32.51
N LYS A 178 -5.60 -9.55 -31.88
CA LYS A 178 -5.35 -9.90 -30.50
C LYS A 178 -5.06 -8.56 -29.81
N ARG A 179 -5.65 -8.35 -28.63
CA ARG A 179 -5.54 -7.08 -27.89
C ARG A 179 -5.02 -7.30 -26.47
N GLU A 180 -4.16 -6.41 -26.01
CA GLU A 180 -3.60 -6.53 -24.69
C GLU A 180 -4.40 -5.68 -23.65
N VAL A 181 -4.61 -6.20 -22.44
CA VAL A 181 -5.35 -5.50 -21.39
C VAL A 181 -4.69 -5.82 -20.10
N ARG A 182 -4.47 -4.79 -19.27
CA ARG A 182 -3.95 -5.00 -17.98
C ARG A 182 -4.95 -4.65 -16.91
N GLN A 183 -5.11 -5.52 -15.91
CA GLN A 183 -5.98 -5.27 -14.76
C GLN A 183 -5.12 -4.92 -13.58
N PHE A 184 -5.31 -3.71 -13.04
CA PHE A 184 -4.72 -3.35 -11.81
C PHE A 184 -5.69 -3.47 -10.68
N GLN A 185 -5.41 -4.35 -9.72
CA GLN A 185 -6.29 -4.58 -8.59
C GLN A 185 -5.74 -4.09 -7.29
N PHE A 186 -6.39 -3.08 -6.72
CA PHE A 186 -5.95 -2.52 -5.48
C PHE A 186 -6.47 -3.39 -4.37
N THR A 187 -5.58 -3.96 -3.56
CA THR A 187 -5.99 -4.88 -2.51
C THR A 187 -5.98 -4.40 -1.06
N ALA A 188 -5.67 -3.13 -0.82
CA ALA A 188 -5.42 -2.63 0.50
C ALA A 188 -6.49 -1.67 0.95
N TRP A 189 -7.66 -1.63 0.31
CA TRP A 189 -8.76 -0.78 0.83
C TRP A 189 -9.39 -1.47 2.00
N PRO A 190 -9.58 -0.75 3.14
CA PRO A 190 -10.05 -1.44 4.35
C PRO A 190 -11.48 -1.93 4.20
N ASP A 191 -11.81 -2.98 4.94
CA ASP A 191 -13.14 -3.54 4.95
C ASP A 191 -14.17 -2.48 5.38
N HIS A 192 -13.77 -1.58 6.26
CA HIS A 192 -14.66 -0.56 6.78
C HIS A 192 -13.97 0.75 6.56
N GLY A 193 -14.69 1.76 6.11
CA GLY A 193 -14.17 3.13 5.92
C GLY A 193 -13.23 3.24 4.74
N VAL A 194 -12.33 4.21 4.86
CA VAL A 194 -11.36 4.55 3.83
C VAL A 194 -9.94 4.37 4.41
N PRO A 195 -8.92 4.21 3.59
CA PRO A 195 -7.53 4.06 4.08
C PRO A 195 -7.07 5.16 4.97
N GLU A 196 -6.40 4.78 6.03
CA GLU A 196 -5.88 5.75 6.99
C GLU A 196 -4.92 6.75 6.38
N TYR A 197 -4.14 6.33 5.40
CA TYR A 197 -3.23 7.17 4.70
C TYR A 197 -3.41 6.87 3.22
N PRO A 198 -3.19 7.85 2.36
CA PRO A 198 -3.36 7.70 0.91
C PRO A 198 -2.20 7.12 0.14
N THR A 199 -1.12 6.81 0.86
CA THR A 199 0.10 6.50 0.19
C THR A 199 0.00 5.20 -0.60
N PRO A 200 -0.60 4.16 -0.01
CA PRO A 200 -0.68 2.98 -0.91
C PRO A 200 -1.51 3.24 -2.19
N PHE A 201 -2.67 3.85 -2.02
CA PHE A 201 -3.47 4.21 -3.16
C PHE A 201 -2.74 5.08 -4.18
N LEU A 202 -2.04 6.10 -3.71
CA LEU A 202 -1.29 6.95 -4.67
C LEU A 202 -0.22 6.20 -5.46
N ALA A 203 0.47 5.28 -4.83
CA ALA A 203 1.41 4.46 -5.56
C ALA A 203 0.66 3.54 -6.57
N PHE A 204 -0.50 3.07 -6.15
CA PHE A 204 -1.34 2.26 -7.01
C PHE A 204 -1.72 3.09 -8.21
N LEU A 205 -2.19 4.29 -7.96
CA LEU A 205 -2.56 5.14 -9.06
C LEU A 205 -1.41 5.40 -10.03
N ARG A 206 -0.21 5.66 -9.50
CA ARG A 206 0.98 5.87 -10.38
C ARG A 206 1.23 4.67 -11.28
N ARG A 207 1.21 3.49 -10.71
CA ARG A 207 1.29 2.26 -11.55
C ARG A 207 0.35 2.33 -12.74
N VAL A 208 -0.94 2.52 -12.43
CA VAL A 208 -2.00 2.49 -13.42
C VAL A 208 -1.69 3.46 -14.54
N LYS A 209 -1.35 4.68 -14.14
CA LYS A 209 -1.19 5.72 -15.12
C LYS A 209 -0.04 5.49 -16.06
N THR A 210 1.05 4.92 -15.55
CA THR A 210 2.19 4.65 -16.40
C THR A 210 1.86 3.52 -17.37
N ALA A 211 1.11 2.50 -16.93
CA ALA A 211 0.79 1.36 -17.83
C ALA A 211 -0.25 1.69 -18.84
N ASN A 212 -1.06 2.72 -18.56
CA ASN A 212 -2.20 2.90 -19.47
C ASN A 212 -1.77 3.57 -20.78
N PRO A 213 -1.93 2.91 -21.94
CA PRO A 213 -1.39 3.56 -23.11
C PRO A 213 -2.17 4.83 -23.40
N PRO A 214 -1.46 5.90 -23.70
CA PRO A 214 -2.06 7.21 -23.99
C PRO A 214 -2.96 7.30 -25.23
N ASP A 215 -3.14 6.21 -25.99
CA ASP A 215 -4.14 6.12 -27.12
C ASP A 215 -5.24 5.03 -26.98
N ALA A 216 -5.51 4.59 -25.78
CA ALA A 216 -6.47 3.48 -25.60
C ALA A 216 -7.88 4.06 -25.47
N GLY A 217 -8.89 3.20 -25.45
CA GLY A 217 -10.24 3.63 -25.01
C GLY A 217 -10.30 3.96 -23.53
N PRO A 218 -11.51 4.24 -22.99
CA PRO A 218 -11.60 4.54 -21.60
C PRO A 218 -11.01 3.49 -20.65
N ILE A 219 -10.44 3.98 -19.55
CA ILE A 219 -10.01 3.08 -18.45
C ILE A 219 -11.30 2.52 -17.80
N VAL A 220 -11.42 1.22 -17.71
CA VAL A 220 -12.55 0.63 -17.04
C VAL A 220 -12.26 0.53 -15.58
N VAL A 221 -13.11 1.14 -14.76
CA VAL A 221 -12.92 1.22 -13.31
C VAL A 221 -14.15 0.54 -12.60
N HIS A 222 -13.91 -0.36 -11.65
CA HIS A 222 -15.00 -1.00 -10.97
C HIS A 222 -14.66 -1.38 -9.56
N SER A 224 -17.45 -2.79 -6.23
CA SER A 224 -18.59 -3.66 -6.10
C SER A 224 -19.82 -3.10 -6.86
N ALA A 225 -20.27 -1.90 -6.48
CA ALA A 225 -21.34 -1.20 -7.11
C ALA A 225 -20.81 -0.33 -8.27
N GLY A 226 -19.53 0.02 -8.24
CA GLY A 226 -19.00 0.87 -9.28
C GLY A 226 -19.33 2.33 -9.15
N VAL A 227 -19.44 2.79 -7.90
CA VAL A 227 -19.77 4.17 -7.58
C VAL A 227 -18.89 4.79 -6.50
N GLY A 228 -18.48 4.02 -5.47
CA GLY A 228 -17.93 4.56 -4.23
C GLY A 228 -16.41 4.73 -4.35
N ARG A 229 -15.68 3.64 -4.21
CA ARG A 229 -14.24 3.65 -4.43
C ARG A 229 -13.90 3.99 -5.89
N THR A 230 -14.73 3.53 -6.80
CA THR A 230 -14.61 3.78 -8.21
C THR A 230 -14.60 5.34 -8.35
N GLY A 231 -15.50 6.02 -7.69
CA GLY A 231 -15.55 7.47 -7.68
C GLY A 231 -14.32 8.14 -7.16
N ALA A 232 -13.81 7.62 -6.05
CA ALA A 232 -12.61 8.20 -5.45
C ALA A 232 -11.42 8.07 -6.42
N PHE A 233 -11.24 6.89 -7.02
CA PHE A 233 -10.19 6.69 -7.97
C PHE A 233 -10.29 7.74 -9.08
N ILE A 234 -11.50 7.88 -9.66
CA ILE A 234 -11.65 8.82 -10.76
C ILE A 234 -11.35 10.27 -10.43
N VAL A 235 -11.83 10.75 -9.31
CA VAL A 235 -11.68 12.16 -8.97
C VAL A 235 -10.21 12.45 -8.70
N ILE A 236 -9.52 11.53 -7.98
CA ILE A 236 -8.16 11.74 -7.62
C ILE A 236 -7.32 11.83 -8.85
N ASP A 237 -7.60 10.97 -9.82
CA ASP A 237 -6.85 10.90 -11.02
C ASP A 237 -7.06 12.16 -11.84
N ALA A 238 -8.33 12.53 -11.97
CA ALA A 238 -8.70 13.67 -12.77
C ALA A 238 -8.10 14.94 -12.17
N MET A 239 -8.16 15.06 -10.86
CA MET A 239 -7.51 16.23 -10.25
C MET A 239 -5.97 16.26 -10.37
N LEU A 240 -5.31 15.10 -10.32
CA LEU A 240 -3.83 15.07 -10.58
C LEU A 240 -3.45 15.43 -12.01
N GLU A 241 -4.35 15.11 -12.93
CA GLU A 241 -4.24 15.58 -14.29
C GLU A 241 -4.42 17.10 -14.33
N ARG A 242 -5.46 17.58 -13.66
CA ARG A 242 -5.80 19.02 -13.67
C ARG A 242 -4.68 19.94 -13.25
N ILE A 243 -3.99 19.58 -12.16
CA ILE A 243 -2.96 20.42 -11.57
C ILE A 243 -1.65 20.49 -12.42
N LYS A 244 -1.52 19.67 -13.46
CA LYS A 244 -0.37 19.80 -14.35
C LYS A 244 -0.41 21.12 -15.13
N PRO A 245 -1.45 21.33 -15.96
CA PRO A 245 -1.49 22.67 -16.57
C PRO A 245 -2.10 23.80 -15.72
N GLU A 246 -2.79 23.51 -14.62
CA GLU A 246 -3.68 24.49 -13.96
C GLU A 246 -3.43 24.92 -12.54
N LYS A 247 -2.71 24.14 -11.78
CA LYS A 247 -2.43 24.49 -10.36
C LYS A 247 -3.61 24.94 -9.47
N THR A 248 -4.84 24.52 -9.79
CA THR A 248 -5.97 24.52 -8.84
C THR A 248 -6.70 23.15 -8.84
N VAL A 249 -7.51 22.93 -7.84
CA VAL A 249 -8.25 21.71 -7.66
C VAL A 249 -9.70 22.10 -7.50
N ASP A 250 -10.59 21.37 -8.17
CA ASP A 250 -12.02 21.52 -7.92
C ASP A 250 -12.74 20.16 -7.75
N VAL A 251 -12.62 19.61 -6.55
CA VAL A 251 -13.24 18.34 -6.20
C VAL A 251 -14.75 18.43 -6.29
N TYR A 252 -15.28 19.47 -5.67
CA TYR A 252 -16.69 19.74 -5.60
C TYR A 252 -17.31 19.75 -6.98
N GLY A 253 -16.67 20.55 -7.81
CA GLY A 253 -17.10 20.68 -9.15
C GLY A 253 -17.06 19.36 -9.93
N HIS A 254 -15.99 18.57 -9.75
CA HIS A 254 -15.85 17.34 -10.52
C HIS A 254 -16.81 16.25 -10.04
N VAL A 255 -17.04 16.15 -8.72
CA VAL A 255 -18.04 15.20 -8.20
C VAL A 255 -19.42 15.57 -8.71
N THR A 256 -19.71 16.86 -8.74
CA THR A 256 -20.97 17.34 -9.30
C THR A 256 -21.13 16.87 -10.76
N LEU A 257 -20.12 17.06 -11.57
CA LEU A 257 -20.17 16.62 -12.96
C LEU A 257 -20.36 15.06 -13.00
N MET A 258 -19.59 14.33 -12.18
CA MET A 258 -19.69 12.88 -12.06
C MET A 258 -21.09 12.38 -11.75
N ARG A 259 -21.84 13.13 -10.94
CA ARG A 259 -23.18 12.72 -10.49
C ARG A 259 -24.20 12.82 -11.63
N SER A 260 -23.84 13.53 -12.67
CA SER A 260 -24.78 13.72 -13.77
C SER A 260 -24.50 12.60 -14.73
N GLN A 261 -23.42 11.84 -14.47
CA GLN A 261 -23.06 10.70 -15.32
C GLN A 261 -23.33 9.32 -14.73
N ARG A 262 -23.16 9.17 -13.43
CA ARG A 262 -23.56 7.93 -12.79
C ARG A 262 -24.08 8.22 -11.41
N ASN A 263 -25.15 7.55 -10.99
CA ASN A 263 -25.67 7.73 -9.69
C ASN A 263 -24.60 7.50 -8.57
N TYR A 264 -24.62 8.35 -7.56
CA TYR A 264 -23.92 8.15 -6.30
C TYR A 264 -22.38 8.26 -6.40
N MET A 265 -21.78 8.75 -7.49
CA MET A 265 -20.35 8.73 -7.57
C MET A 265 -19.78 9.42 -6.34
N VAL A 266 -18.78 8.77 -5.71
CA VAL A 266 -18.35 9.18 -4.36
C VAL A 266 -19.53 9.06 -3.40
N GLN A 267 -19.66 7.88 -2.83
CA GLN A 267 -20.87 7.47 -2.19
C GLN A 267 -20.94 7.84 -0.71
N THR A 268 -19.82 8.08 -0.04
CA THR A 268 -19.76 8.47 1.39
C THR A 268 -18.96 9.76 1.65
N GLU A 269 -19.24 10.48 2.75
CA GLU A 269 -18.39 11.60 3.19
C GLU A 269 -16.94 11.20 3.41
N ASP A 270 -16.73 10.09 4.11
CA ASP A 270 -15.38 9.60 4.23
C ASP A 270 -14.63 9.50 2.90
N GLN A 271 -15.29 8.94 1.89
CA GLN A 271 -14.66 8.90 0.57
C GLN A 271 -14.32 10.32 0.11
N TYR A 272 -15.27 11.21 0.26
CA TYR A 272 -15.07 12.62 -0.09
C TYR A 272 -13.84 13.22 0.64
N SER A 273 -13.69 12.84 1.89
CA SER A 273 -12.54 13.27 2.72
C SER A 273 -11.25 12.70 2.26
N PHE A 274 -11.26 11.39 2.04
CA PHE A 274 -10.13 10.73 1.49
C PHE A 274 -9.61 11.35 0.21
N ILE A 275 -10.52 11.72 -0.69
CA ILE A 275 -10.10 12.35 -1.95
C ILE A 275 -9.21 13.58 -1.64
N HIS A 276 -9.66 14.35 -0.63
CA HIS A 276 -8.93 15.60 -0.27
C HIS A 276 -7.58 15.29 0.33
N GLU A 277 -7.52 14.25 1.15
CA GLU A 277 -6.27 13.85 1.81
C GLU A 277 -5.29 13.35 0.79
N ALA A 278 -5.77 12.58 -0.19
CA ALA A 278 -4.86 12.05 -1.19
C ALA A 278 -4.30 13.16 -2.02
N LEU A 279 -5.15 14.12 -2.37
CA LEU A 279 -4.71 15.18 -3.31
C LEU A 279 -3.70 16.08 -2.52
N LEU A 280 -4.03 16.33 -1.27
CA LEU A 280 -3.11 17.02 -0.36
C LEU A 280 -1.68 16.37 -0.36
N GLU A 281 -1.64 15.06 -0.15
CA GLU A 281 -0.38 14.38 -0.11
C GLU A 281 0.31 14.38 -1.46
N ALA A 282 -0.47 14.29 -2.53
CA ALA A 282 0.15 14.26 -3.87
C ALA A 282 0.85 15.53 -4.26
N VAL A 283 0.36 16.70 -3.86
CA VAL A 283 1.08 17.94 -4.19
C VAL A 283 2.39 18.09 -3.38
N GLY A 284 2.34 17.66 -2.10
CA GLY A 284 3.50 17.40 -1.20
C GLY A 284 4.81 16.81 -1.75
N ALA A 285 4.80 15.59 -2.26
CA ALA A 285 5.94 15.12 -3.05
C ALA A 285 5.65 15.30 -4.52
N GLY A 286 6.66 15.09 -5.31
CA GLY A 286 6.59 15.13 -6.75
C GLY A 286 7.10 13.76 -7.12
N ASN A 287 7.57 13.57 -8.34
CA ASN A 287 8.10 12.32 -8.73
C ASN A 287 9.53 12.02 -8.22
N THR A 288 9.70 10.90 -7.52
CA THR A 288 10.97 10.51 -6.96
C THR A 288 11.36 9.12 -7.44
N GLU A 289 10.75 8.66 -8.50
CA GLU A 289 11.00 7.30 -8.92
C GLU A 289 11.98 7.36 -10.04
N VAL A 290 12.89 6.41 -10.07
CA VAL A 290 14.01 6.47 -11.01
C VAL A 290 14.36 5.12 -11.62
N PRO A 291 14.53 5.12 -12.94
CA PRO A 291 14.98 3.95 -13.66
C PRO A 291 16.42 3.61 -13.23
N ALA A 292 16.71 2.32 -13.06
CA ALA A 292 18.06 1.87 -12.72
C ALA A 292 19.20 2.61 -13.47
N ARG A 293 19.02 2.76 -14.78
CA ARG A 293 20.01 3.40 -15.65
C ARG A 293 20.21 4.85 -15.30
N SER A 294 19.27 5.44 -14.59
CA SER A 294 19.34 6.88 -14.31
C SER A 294 19.67 7.17 -12.88
N LEU A 295 19.78 6.08 -12.08
CA LEU A 295 19.99 6.16 -10.63
C LEU A 295 21.22 7.04 -10.26
N TYR A 296 22.35 6.69 -10.85
CA TYR A 296 23.61 7.37 -10.55
C TYR A 296 23.46 8.86 -10.77
N ALA A 297 22.93 9.22 -11.94
CA ALA A 297 22.72 10.61 -12.33
C ALA A 297 21.78 11.30 -11.36
N TYR A 298 20.78 10.54 -10.93
CA TYR A 298 19.78 11.04 -10.00
C TYR A 298 20.48 11.39 -8.66
N ILE A 299 21.23 10.41 -8.18
CA ILE A 299 22.09 10.57 -6.99
C ILE A 299 23.05 11.78 -7.16
N GLN A 300 23.81 11.81 -8.24
CA GLN A 300 24.71 12.97 -8.48
C GLN A 300 23.95 14.33 -8.35
N LYS A 301 22.76 14.38 -8.91
CA LYS A 301 21.93 15.58 -8.84
C LYS A 301 21.49 15.89 -7.40
N LEU A 302 21.14 14.85 -6.65
CA LEU A 302 20.80 14.98 -5.24
C LEU A 302 21.99 15.49 -4.43
N ALA A 303 23.17 15.06 -4.84
CA ALA A 303 24.39 15.42 -4.14
C ALA A 303 24.79 16.90 -4.27
N GLN A 304 24.20 17.62 -5.21
CA GLN A 304 24.62 19.04 -5.41
C GLN A 304 23.78 19.97 -4.52
N VAL A 305 24.39 21.08 -4.14
CA VAL A 305 23.70 22.20 -3.52
C VAL A 305 23.26 23.10 -4.71
N GLU A 306 21.98 23.04 -5.06
CA GLU A 306 21.47 23.81 -6.21
C GLU A 306 21.74 25.32 -6.02
N PRO A 307 21.96 26.07 -7.14
CA PRO A 307 21.94 27.54 -7.02
C PRO A 307 20.59 28.05 -6.46
N GLY A 308 20.63 28.73 -5.32
CA GLY A 308 19.42 29.14 -4.61
C GLY A 308 19.29 28.53 -3.22
N GLU A 309 19.60 27.25 -3.11
CA GLU A 309 19.45 26.48 -1.84
C GLU A 309 20.81 26.36 -1.09
N HIS A 310 20.74 26.33 0.25
CA HIS A 310 21.97 26.21 1.08
C HIS A 310 22.31 24.76 1.48
N VAL A 311 21.40 23.81 1.19
CA VAL A 311 21.57 22.35 1.44
C VAL A 311 21.47 21.49 0.15
N THR A 312 21.86 20.22 0.24
CA THR A 312 21.81 19.34 -0.92
C THR A 312 20.35 18.97 -1.33
N GLY A 313 20.18 18.59 -2.60
CA GLY A 313 18.89 18.08 -3.07
C GLY A 313 18.52 16.85 -2.23
N MET A 314 19.50 16.03 -1.95
CA MET A 314 19.30 14.88 -1.06
C MET A 314 18.62 15.20 0.26
N GLU A 315 19.02 16.31 0.86
CA GLU A 315 18.56 16.65 2.20
C GLU A 315 17.22 17.36 2.12
N LEU A 316 17.03 18.11 1.03
CA LEU A 316 15.71 18.72 0.70
C LEU A 316 14.60 17.64 0.47
N GLU A 317 14.99 16.56 -0.25
CA GLU A 317 14.08 15.41 -0.49
C GLU A 317 13.68 14.75 0.82
N PHE A 318 14.66 14.57 1.72
CA PHE A 318 14.41 14.01 3.02
C PHE A 318 13.52 14.90 3.88
N LYS A 319 13.73 16.20 3.82
CA LYS A 319 12.93 17.15 4.54
C LYS A 319 11.42 17.00 4.17
N ARG A 320 11.17 16.67 2.92
CA ARG A 320 9.79 16.61 2.48
C ARG A 320 9.02 15.40 3.03
N LEU A 321 9.71 14.43 3.62
CA LEU A 321 8.98 13.35 4.28
C LEU A 321 8.18 13.82 5.54
N ALA A 322 8.47 15.02 6.05
CA ALA A 322 7.66 15.60 7.10
C ALA A 322 6.95 16.81 6.53
N PHE A 331 -2.03 6.28 18.85
CA PHE A 331 -1.22 6.14 20.07
C PHE A 331 -1.99 5.91 21.37
N ILE A 332 -3.07 5.14 21.29
CA ILE A 332 -3.99 4.96 22.45
C ILE A 332 -3.34 4.02 23.47
N SER A 333 -3.16 2.75 23.09
CA SER A 333 -2.55 1.76 23.97
C SER A 333 -1.14 2.15 24.41
N ALA A 334 -0.30 2.63 23.48
CA ALA A 334 1.09 3.03 23.83
C ALA A 334 1.14 4.01 24.97
N ASN A 335 0.06 4.79 25.10
CA ASN A 335 -0.08 5.76 26.18
C ASN A 335 -0.73 5.31 27.49
N LEU A 336 -1.40 4.17 27.51
CA LEU A 336 -2.15 3.79 28.69
C LEU A 336 -1.13 3.66 29.82
N PRO A 337 -1.39 4.32 30.96
CA PRO A 337 -0.40 4.50 32.04
C PRO A 337 0.41 3.24 32.44
N ALA A 338 -0.22 2.08 32.32
CA ALA A 338 0.38 0.81 32.70
C ALA A 338 1.36 0.24 31.66
N ASN A 339 1.35 0.83 30.46
CA ASN A 339 2.26 0.49 29.34
C ASN A 339 3.39 1.49 29.14
N LYS A 340 3.38 2.55 29.94
CA LYS A 340 4.31 3.66 29.80
C LYS A 340 5.74 3.25 30.11
N PHE A 341 5.94 2.38 31.10
CA PHE A 341 7.27 1.81 31.35
C PHE A 341 7.69 0.82 30.22
N LYS A 342 6.76 0.36 29.39
CA LYS A 342 7.06 -0.57 28.29
C LYS A 342 7.64 0.09 27.03
N ASN A 343 7.85 1.40 27.09
CA ASN A 343 8.41 2.18 26.00
C ASN A 343 9.77 2.75 26.38
N ARG A 344 10.75 2.47 25.52
CA ARG A 344 12.12 2.94 25.67
C ARG A 344 12.18 4.50 25.67
N LEU A 345 11.46 5.10 24.72
CA LEU A 345 11.41 6.55 24.50
C LEU A 345 9.95 7.03 24.47
N VAL A 346 9.62 8.03 25.28
CA VAL A 346 8.26 8.58 25.31
C VAL A 346 7.73 8.97 23.93
N ASN A 347 8.58 9.56 23.12
CA ASN A 347 8.16 10.05 21.83
C ASN A 347 8.27 9.03 20.65
N ILE A 348 8.63 7.78 20.92
CA ILE A 348 8.62 6.69 19.88
C ILE A 348 7.61 5.59 20.28
N MET A 349 6.42 5.69 19.70
CA MET A 349 5.30 4.82 20.01
C MET A 349 4.75 4.24 18.71
N PRO A 350 4.21 3.02 18.80
CA PRO A 350 3.53 2.41 17.65
C PRO A 350 2.15 3.08 17.42
N TYR A 351 1.74 3.20 16.16
CA TYR A 351 0.36 3.60 15.85
C TYR A 351 -0.57 2.51 16.30
N GLU A 352 -1.76 2.89 16.78
CA GLU A 352 -2.82 1.93 17.12
C GLU A 352 -3.17 0.96 15.98
N SER A 353 -3.29 1.49 14.78
CA SER A 353 -3.76 0.67 13.66
C SER A 353 -2.82 -0.45 13.19
N THR A 354 -1.51 -0.28 13.41
CA THR A 354 -0.48 -1.25 12.96
C THR A 354 0.26 -1.91 14.11
N ARG A 355 -0.11 -1.54 15.33
CA ARG A 355 0.57 -2.05 16.49
C ARG A 355 0.44 -3.57 16.50
N VAL A 356 1.43 -4.26 17.06
CA VAL A 356 1.35 -5.71 17.22
C VAL A 356 0.81 -5.98 18.61
N ALA A 357 -0.47 -6.35 18.68
CA ALA A 357 -1.09 -6.64 19.98
C ALA A 357 -0.75 -8.07 20.46
N LEU A 358 -0.47 -8.22 21.75
CA LEU A 358 -0.30 -9.54 22.32
C LEU A 358 -1.71 -10.15 22.62
N GLN A 359 -1.78 -11.49 22.70
CA GLN A 359 -2.95 -12.21 23.28
C GLN A 359 -3.12 -11.67 24.69
N PRO A 360 -4.22 -10.96 24.93
CA PRO A 360 -4.43 -10.42 26.29
C PRO A 360 -4.31 -11.52 27.35
N ILE A 361 -3.80 -11.21 28.53
CA ILE A 361 -3.75 -12.18 29.63
C ILE A 361 -4.75 -11.78 30.72
N ARG A 362 -5.79 -12.60 30.90
CA ARG A 362 -6.93 -12.23 31.77
C ARG A 362 -6.41 -11.67 33.11
N GLY A 363 -6.89 -10.47 33.45
CA GLY A 363 -6.66 -9.85 34.77
C GLY A 363 -5.39 -9.04 35.01
N VAL A 364 -4.69 -8.69 33.92
CA VAL A 364 -3.56 -7.77 33.95
C VAL A 364 -3.75 -6.80 32.77
N GLU A 365 -4.36 -5.65 33.03
CA GLU A 365 -4.62 -4.65 31.97
C GLU A 365 -3.33 -4.32 31.23
N GLY A 366 -3.41 -4.16 29.91
CA GLY A 366 -2.26 -3.69 29.09
C GLY A 366 -1.22 -4.74 28.69
N SER A 367 -1.47 -6.00 29.07
CA SER A 367 -0.61 -7.15 28.71
C SER A 367 -0.86 -7.62 27.29
N ASP A 368 -1.57 -6.78 26.52
CA ASP A 368 -1.72 -6.92 25.07
C ASP A 368 -0.79 -5.97 24.31
N TYR A 369 -0.03 -5.17 25.07
CA TYR A 369 0.84 -4.15 24.53
C TYR A 369 2.31 -4.51 24.45
N ILE A 370 2.87 -4.24 23.30
CA ILE A 370 4.32 -4.17 23.17
C ILE A 370 4.65 -3.07 22.14
N ASN A 371 5.75 -2.34 22.34
CA ASN A 371 6.10 -1.26 21.41
C ASN A 371 6.63 -1.89 20.15
N ALA A 372 5.70 -2.17 19.26
CA ALA A 372 5.98 -2.86 18.01
C ALA A 372 4.93 -2.60 16.94
N SER A 373 5.31 -2.71 15.66
CA SER A 373 4.46 -2.26 14.56
C SER A 373 4.57 -3.16 13.38
N PHE A 374 3.43 -3.58 12.80
CA PHE A 374 3.50 -4.42 11.60
C PHE A 374 3.92 -3.54 10.48
N ILE A 375 4.67 -4.10 9.54
CA ILE A 375 5.19 -3.34 8.44
C ILE A 375 5.13 -4.21 7.23
N ASP A 376 4.57 -3.65 6.13
CA ASP A 376 4.50 -4.33 4.83
C ASP A 376 5.84 -4.39 4.12
N GLY A 377 6.05 -5.45 3.34
CA GLY A 377 7.18 -5.66 2.49
C GLY A 377 6.85 -5.27 1.06
N TYR A 378 7.64 -5.73 0.12
CA TYR A 378 7.45 -5.47 -1.26
C TYR A 378 6.30 -6.37 -1.76
N ARG A 379 6.30 -7.61 -1.32
CA ARG A 379 5.37 -8.63 -1.85
C ARG A 379 4.15 -8.91 -1.01
N GLN A 380 4.32 -8.86 0.30
CA GLN A 380 3.28 -9.17 1.24
C GLN A 380 3.24 -8.13 2.32
N GLN A 381 2.04 -8.01 2.91
CA GLN A 381 1.77 -7.15 4.02
C GLN A 381 2.31 -7.82 5.27
N LYS A 382 2.65 -7.02 6.26
CA LYS A 382 3.09 -7.54 7.52
C LYS A 382 4.29 -8.47 7.31
N ALA A 383 5.19 -8.11 6.40
CA ALA A 383 6.40 -8.93 6.24
C ALA A 383 7.45 -8.63 7.36
N TYR A 384 7.20 -7.59 8.21
CA TYR A 384 8.13 -7.23 9.27
C TYR A 384 7.35 -6.83 10.46
N ILE A 385 7.97 -7.05 11.62
CA ILE A 385 7.63 -6.28 12.80
C ILE A 385 8.80 -5.37 13.10
N ALA A 386 8.53 -4.09 13.26
CA ALA A 386 9.57 -3.15 13.66
C ALA A 386 9.26 -2.85 15.11
N THR A 387 10.24 -3.05 15.98
CA THR A 387 10.03 -2.92 17.42
C THR A 387 11.31 -2.33 18.03
N GLN A 388 11.22 -1.79 19.24
CA GLN A 388 12.46 -1.35 19.93
C GLN A 388 13.32 -2.52 20.45
N GLY A 389 14.62 -2.27 20.69
CA GLY A 389 15.40 -3.14 21.59
C GLY A 389 14.63 -3.38 22.90
N PRO A 390 14.39 -4.65 23.22
CA PRO A 390 13.80 -5.04 24.49
C PRO A 390 14.44 -4.40 25.74
N LEU A 391 13.56 -4.06 26.67
CA LEU A 391 13.91 -3.71 28.03
C LEU A 391 13.91 -5.00 28.85
N ALA A 392 14.66 -5.00 29.95
CA ALA A 392 14.62 -6.13 30.85
C ALA A 392 13.18 -6.44 31.18
N GLU A 393 12.38 -5.40 31.41
CA GLU A 393 10.93 -5.56 31.72
C GLU A 393 9.99 -5.94 30.54
N THR A 394 10.45 -5.83 29.29
CA THR A 394 9.63 -6.26 28.16
C THR A 394 10.22 -7.47 27.48
N THR A 395 11.29 -7.98 28.04
CA THR A 395 11.90 -9.14 27.45
C THR A 395 10.88 -10.25 27.32
N GLU A 396 10.16 -10.52 28.38
CA GLU A 396 9.26 -11.66 28.33
C GLU A 396 8.23 -11.42 27.26
N ASP A 397 7.69 -10.21 27.23
CA ASP A 397 6.72 -9.80 26.20
C ASP A 397 7.21 -10.02 24.77
N PHE A 398 8.47 -9.66 24.57
CA PHE A 398 9.15 -9.88 23.31
C PHE A 398 9.01 -11.30 22.85
N TRP A 399 9.44 -12.24 23.69
CA TRP A 399 9.47 -13.64 23.30
C TRP A 399 8.07 -14.10 22.97
N ARG A 400 7.10 -13.57 23.67
CA ARG A 400 5.73 -14.03 23.43
C ARG A 400 5.20 -13.47 22.13
N MET A 401 5.50 -12.19 21.90
CA MET A 401 5.22 -11.58 20.58
C MET A 401 5.76 -12.47 19.48
N LEU A 402 7.01 -12.89 19.60
CA LEU A 402 7.51 -13.70 18.47
C LEU A 402 6.61 -14.96 18.32
N TRP A 403 6.36 -15.65 19.42
CA TRP A 403 5.62 -16.92 19.37
C TRP A 403 4.24 -16.71 18.84
N GLU A 404 3.51 -15.81 19.47
CA GLU A 404 2.14 -15.55 19.05
C GLU A 404 2.01 -15.10 17.62
N ASN A 405 3.05 -14.52 17.04
CA ASN A 405 2.94 -13.98 15.68
C ASN A 405 3.71 -14.74 14.65
N ASN A 406 4.16 -15.95 15.03
CA ASN A 406 4.98 -16.88 14.20
C ASN A 406 6.18 -16.22 13.53
N SER A 407 6.82 -15.30 14.27
CA SER A 407 8.07 -14.68 13.83
C SER A 407 9.25 -15.57 14.28
N THR A 408 10.04 -16.11 13.35
CA THR A 408 11.17 -16.92 13.80
C THR A 408 12.54 -16.37 13.30
N ILE A 409 12.54 -15.12 12.79
CA ILE A 409 13.74 -14.41 12.39
C ILE A 409 13.78 -13.00 13.02
N VAL A 410 14.83 -12.74 13.76
CA VAL A 410 15.00 -11.51 14.53
C VAL A 410 16.27 -10.88 13.98
N VAL A 411 16.15 -9.62 13.63
CA VAL A 411 17.27 -8.84 13.11
C VAL A 411 17.54 -7.78 14.15
N MET A 412 18.74 -7.81 14.73
CA MET A 412 19.17 -6.83 15.76
C MET A 412 20.21 -5.92 15.10
N LEU A 413 20.02 -4.61 15.14
CA LEU A 413 20.85 -3.67 14.37
C LEU A 413 21.64 -2.71 15.31
N THR A 414 21.89 -3.18 16.51
CA THR A 414 22.70 -2.46 17.46
C THR A 414 23.57 -3.41 18.29
N LYS A 415 24.72 -2.92 18.77
CA LYS A 415 25.40 -3.63 19.84
C LYS A 415 24.62 -3.37 21.12
N LEU A 416 24.74 -4.26 22.09
CA LEU A 416 24.14 -4.11 23.39
C LEU A 416 24.48 -2.75 23.99
N ARG A 417 25.74 -2.31 23.86
CA ARG A 417 26.16 -0.98 24.29
C ARG A 417 26.90 -0.29 23.18
N GLU A 418 26.60 1.00 22.96
CA GLU A 418 27.37 1.85 22.04
C GLU A 418 27.57 3.22 22.71
N MET A 419 28.66 3.90 22.33
CA MET A 419 29.01 5.24 22.87
C MET A 419 28.87 5.28 24.39
N GLY A 420 29.26 4.20 25.05
CA GLY A 420 29.15 4.08 26.49
C GLY A 420 27.75 4.22 27.01
N ARG A 421 26.73 3.86 26.19
CA ARG A 421 25.33 3.70 26.69
C ARG A 421 24.71 2.34 26.37
N GLU A 422 23.88 1.85 27.29
CA GLU A 422 23.17 0.64 27.03
C GLU A 422 22.10 0.93 25.96
N LYS A 423 22.19 0.19 24.87
CA LYS A 423 21.30 0.34 23.72
C LYS A 423 20.19 -0.70 23.79
N CYS A 424 20.54 -1.89 24.29
CA CYS A 424 19.59 -2.99 24.33
C CYS A 424 19.94 -3.86 25.49
N HIS A 425 18.90 -4.36 26.13
CA HIS A 425 19.10 -5.34 27.17
C HIS A 425 19.39 -6.68 26.46
N GLN A 426 20.27 -7.50 27.05
CA GLN A 426 20.48 -8.85 26.55
C GLN A 426 19.29 -9.77 26.88
N TYR A 427 18.35 -9.79 25.95
CA TYR A 427 17.12 -10.58 26.08
C TYR A 427 17.21 -12.08 25.71
N TRP A 428 18.42 -12.54 25.38
CA TRP A 428 18.65 -13.97 25.04
C TRP A 428 19.64 -14.69 25.96
N PRO A 429 19.44 -16.00 26.16
CA PRO A 429 20.34 -16.78 26.97
C PRO A 429 21.56 -17.18 26.16
N ALA A 430 22.67 -17.49 26.82
CA ALA A 430 23.87 -17.94 26.09
C ALA A 430 24.49 -19.15 26.79
N GLU A 431 24.96 -18.95 28.00
CA GLU A 431 25.56 -20.06 28.74
C GLU A 431 24.61 -21.22 29.00
N ARG A 432 23.40 -20.94 29.45
CA ARG A 432 22.41 -21.99 29.62
C ARG A 432 21.02 -21.50 29.27
N SER A 433 20.07 -22.43 29.34
CA SER A 433 18.65 -22.19 29.09
C SER A 433 18.07 -21.07 29.95
N ALA A 434 17.12 -20.35 29.38
CA ALA A 434 16.31 -19.41 30.15
C ALA A 434 14.84 -19.75 29.96
N ARG A 435 14.05 -19.55 31.00
CA ARG A 435 12.58 -19.57 30.89
C ARG A 435 12.10 -18.11 30.97
N TYR A 436 11.47 -17.63 29.90
CA TYR A 436 10.84 -16.30 29.91
C TYR A 436 9.35 -16.56 29.87
N GLN A 437 8.72 -16.55 31.04
CA GLN A 437 7.33 -16.97 31.19
C GLN A 437 7.07 -18.43 30.66
N TYR A 438 6.06 -18.65 29.81
CA TYR A 438 5.71 -20.02 29.33
C TYR A 438 6.71 -20.58 28.34
N PHE A 439 7.70 -19.78 27.95
CA PHE A 439 8.63 -20.15 26.88
C PHE A 439 10.01 -20.51 27.42
N VAL A 440 10.50 -21.67 26.97
CA VAL A 440 11.85 -22.07 27.31
C VAL A 440 12.64 -21.86 26.05
N VAL A 441 13.72 -21.10 26.19
CA VAL A 441 14.57 -20.76 25.06
C VAL A 441 15.94 -21.37 25.33
N ASP A 442 16.34 -22.31 24.47
CA ASP A 442 17.64 -23.01 24.57
C ASP A 442 18.65 -22.46 23.55
N PRO A 443 19.78 -21.89 24.03
CA PRO A 443 20.83 -21.46 23.11
C PRO A 443 21.48 -22.61 22.34
N MET A 444 21.38 -22.65 21.02
CA MET A 444 21.89 -23.81 20.22
C MET A 444 23.19 -23.56 19.50
N ALA A 445 23.42 -22.34 19.01
CA ALA A 445 24.71 -22.00 18.39
C ALA A 445 24.87 -20.53 18.21
N GLU A 446 26.10 -20.15 17.95
CA GLU A 446 26.45 -18.77 17.82
C GLU A 446 27.54 -18.73 16.76
N TYR A 447 27.30 -18.06 15.62
CA TYR A 447 28.20 -17.93 14.49
C TYR A 447 28.69 -16.50 14.40
N ASN A 448 30.01 -16.32 14.51
CA ASN A 448 30.66 -15.02 14.37
C ASN A 448 31.15 -14.68 12.99
N MET A 449 30.42 -13.82 12.29
CA MET A 449 30.79 -13.53 10.92
C MET A 449 31.49 -12.19 10.98
N PRO A 450 32.10 -11.74 9.86
CA PRO A 450 32.84 -10.51 9.98
C PRO A 450 31.97 -9.37 10.48
N GLN A 451 30.82 -9.16 9.81
CA GLN A 451 29.97 -8.02 10.11
C GLN A 451 28.74 -8.31 10.97
N TYR A 452 28.52 -9.55 11.38
CA TYR A 452 27.34 -9.84 12.18
C TYR A 452 27.50 -11.15 12.87
N ILE A 453 26.56 -11.44 13.77
CA ILE A 453 26.55 -12.64 14.55
C ILE A 453 25.20 -13.33 14.33
N LEU A 454 25.24 -14.62 14.00
CA LEU A 454 23.99 -15.39 13.91
C LEU A 454 23.84 -16.23 15.16
N ARG A 455 22.78 -16.03 15.90
CA ARG A 455 22.46 -16.88 17.05
C ARG A 455 21.24 -17.67 16.77
N GLU A 456 21.26 -18.95 17.20
CA GLU A 456 20.19 -19.88 16.95
C GLU A 456 19.66 -20.42 18.27
N PHE A 457 18.35 -20.42 18.43
CA PHE A 457 17.69 -20.82 19.66
C PHE A 457 16.61 -21.85 19.41
N LYS A 458 16.37 -22.67 20.41
CA LYS A 458 15.17 -23.51 20.41
C LYS A 458 14.24 -22.90 21.40
N VAL A 459 13.01 -22.69 20.99
CA VAL A 459 12.01 -22.12 21.86
C VAL A 459 10.89 -23.15 22.04
N THR A 460 10.69 -23.55 23.29
CA THR A 460 9.65 -24.51 23.64
C THR A 460 8.58 -23.85 24.43
N ASP A 461 7.35 -23.97 23.91
CA ASP A 461 6.20 -23.56 24.67
C ASP A 461 5.99 -24.58 25.80
N ALA A 462 6.16 -24.13 27.04
CA ALA A 462 5.99 -25.00 28.22
C ALA A 462 4.58 -25.54 28.29
N ARG A 463 3.59 -24.66 28.14
CA ARG A 463 2.17 -25.06 28.21
C ARG A 463 1.79 -26.30 27.38
N ASP A 464 2.33 -26.48 26.18
CA ASP A 464 1.90 -27.61 25.34
C ASP A 464 3.04 -28.44 24.78
N GLY A 465 4.26 -28.16 25.26
CA GLY A 465 5.47 -28.83 24.82
C GLY A 465 5.90 -28.61 23.38
N GLN A 466 5.19 -27.77 22.62
CA GLN A 466 5.59 -27.47 21.25
C GLN A 466 6.82 -26.59 21.19
N SER A 467 7.42 -26.55 20.00
CA SER A 467 8.78 -26.05 19.83
C SER A 467 9.07 -25.48 18.43
N ARG A 468 9.83 -24.37 18.38
CA ARG A 468 10.30 -23.75 17.10
C ARG A 468 11.77 -23.33 17.19
N THR A 469 12.46 -23.34 16.07
CA THR A 469 13.78 -22.74 15.95
C THR A 469 13.64 -21.23 15.73
N VAL A 470 14.33 -20.42 16.53
CA VAL A 470 14.43 -18.96 16.29
C VAL A 470 15.85 -18.60 15.88
N ARG A 471 16.01 -17.83 14.79
CA ARG A 471 17.32 -17.36 14.38
C ARG A 471 17.40 -15.84 14.57
N GLN A 472 18.47 -15.37 15.20
CA GLN A 472 18.72 -13.91 15.42
C GLN A 472 19.98 -13.47 14.67
N PHE A 473 19.83 -12.45 13.85
CA PHE A 473 20.96 -11.90 13.14
C PHE A 473 21.27 -10.58 13.79
N GLN A 474 22.49 -10.42 14.29
CA GLN A 474 22.90 -9.19 14.94
C GLN A 474 23.98 -8.57 14.10
N PHE A 475 23.68 -7.46 13.48
CA PHE A 475 24.69 -6.81 12.66
C PHE A 475 25.60 -6.05 13.65
N THR A 476 26.90 -6.22 13.50
CA THR A 476 27.88 -5.62 14.46
C THR A 476 28.80 -4.57 13.82
N ASP A 477 28.63 -4.34 12.53
CA ASP A 477 29.49 -3.40 11.82
C ASP A 477 28.86 -2.03 11.55
N TRP A 478 27.82 -1.66 12.28
CA TRP A 478 27.30 -0.35 11.95
C TRP A 478 28.09 0.55 12.85
N PRO A 479 28.74 1.56 12.28
CA PRO A 479 29.57 2.48 13.06
C PRO A 479 28.74 3.15 14.12
N GLU A 480 29.34 3.44 15.25
CA GLU A 480 28.60 4.02 16.37
C GLU A 480 28.22 5.52 16.16
N GLN A 481 28.83 6.17 15.19
CA GLN A 481 28.41 7.49 14.78
C GLN A 481 28.39 7.38 13.25
N GLY A 482 27.37 7.96 12.63
CA GLY A 482 27.22 7.89 11.20
C GLY A 482 26.68 6.57 10.71
N VAL A 483 27.09 6.25 9.50
CA VAL A 483 26.55 5.17 8.72
C VAL A 483 27.72 4.55 7.99
N PRO A 484 27.61 3.26 7.65
CA PRO A 484 28.68 2.64 6.88
C PRO A 484 29.12 3.42 5.66
N LYS A 485 30.41 3.36 5.40
CA LYS A 485 31.04 4.01 4.30
C LYS A 485 30.77 3.26 3.04
N SER A 486 30.66 1.94 3.14
CA SER A 486 30.20 1.11 2.04
C SER A 486 28.97 0.28 2.42
N GLY A 487 28.06 0.11 1.49
CA GLY A 487 26.86 -0.65 1.77
C GLY A 487 27.09 -2.13 1.56
N GLU A 488 28.31 -2.54 1.15
CA GLU A 488 28.58 -3.95 0.80
C GLU A 488 28.11 -4.94 1.85
N GLY A 489 28.57 -4.72 3.10
CA GLY A 489 28.31 -5.64 4.19
C GLY A 489 26.84 -5.68 4.57
N PHE A 490 26.24 -4.51 4.59
CA PHE A 490 24.79 -4.43 4.88
C PHE A 490 23.96 -5.15 3.78
N ILE A 491 24.35 -5.01 2.54
CA ILE A 491 23.69 -5.73 1.45
C ILE A 491 23.83 -7.23 1.66
N ASP A 492 25.03 -7.69 1.99
CA ASP A 492 25.21 -9.08 2.14
C ASP A 492 24.38 -9.51 3.34
N PHE A 493 24.38 -8.70 4.41
CA PHE A 493 23.60 -9.01 5.59
C PHE A 493 22.09 -9.22 5.29
N ILE A 494 21.48 -8.21 4.68
CA ILE A 494 20.11 -8.33 4.16
C ILE A 494 19.87 -9.62 3.35
N GLY A 495 20.79 -9.90 2.44
CA GLY A 495 20.81 -11.14 1.68
C GLY A 495 20.74 -12.36 2.58
N GLN A 496 21.61 -12.40 3.59
CA GLN A 496 21.69 -13.56 4.49
C GLN A 496 20.41 -13.77 5.27
N VAL A 497 19.86 -12.68 5.79
CA VAL A 497 18.65 -12.77 6.57
C VAL A 497 17.56 -13.37 5.67
N HIS A 498 17.45 -12.86 4.45
CA HIS A 498 16.41 -13.30 3.54
C HIS A 498 16.63 -14.71 2.98
N LYS A 499 17.85 -15.10 2.68
CA LYS A 499 18.13 -16.46 2.32
C LYS A 499 17.55 -17.31 3.42
N THR A 500 18.01 -17.05 4.62
CA THR A 500 17.59 -17.78 5.78
C THR A 500 16.07 -17.84 5.93
N LYS A 501 15.38 -16.75 5.60
CA LYS A 501 13.92 -16.75 5.54
C LYS A 501 13.39 -17.83 4.58
N GLU A 502 13.71 -17.74 3.29
CA GLU A 502 13.17 -18.74 2.33
C GLU A 502 13.62 -20.14 2.70
N GLN A 503 14.91 -20.26 2.94
CA GLN A 503 15.53 -21.57 3.02
C GLN A 503 14.82 -22.48 4.00
N PHE A 504 14.44 -21.95 5.16
CA PHE A 504 13.73 -22.76 6.16
C PHE A 504 12.25 -22.37 6.19
N GLY A 505 11.74 -21.99 5.03
CA GLY A 505 10.32 -21.69 4.84
C GLY A 505 9.60 -21.04 6.01
N GLN A 506 9.93 -19.78 6.29
CA GLN A 506 9.17 -19.02 7.24
C GLN A 506 8.01 -18.40 6.47
N ASP A 507 6.85 -18.37 7.10
CA ASP A 507 5.74 -17.57 6.59
C ASP A 507 5.70 -16.28 7.38
N GLY A 508 6.07 -16.36 8.64
CA GLY A 508 5.96 -15.24 9.56
C GLY A 508 6.80 -14.01 9.23
N PRO A 509 6.51 -12.92 9.91
CA PRO A 509 7.27 -11.71 9.75
C PRO A 509 8.69 -11.80 10.30
N ILE A 510 9.59 -11.01 9.71
CA ILE A 510 10.95 -10.81 10.30
C ILE A 510 10.77 -9.73 11.32
N SER A 511 11.02 -9.99 12.62
CA SER A 511 11.05 -8.93 13.65
C SER A 511 12.43 -8.14 13.65
N VAL A 512 12.42 -6.81 13.55
CA VAL A 512 13.64 -6.00 13.30
C VAL A 512 13.65 -5.00 14.40
N HIS A 513 14.80 -4.80 15.03
CA HIS A 513 14.91 -3.80 16.08
C HIS A 513 16.30 -3.26 16.09
N CYS A 514 16.43 -2.05 16.62
CA CYS A 514 17.75 -1.49 16.98
C CYS A 514 17.58 -1.12 18.41
N SER A 515 17.66 0.16 18.73
CA SER A 515 17.48 0.59 20.09
C SER A 515 16.03 1.12 20.26
N ALA A 516 15.70 2.26 19.64
CA ALA A 516 14.30 2.78 19.58
C ALA A 516 13.43 2.04 18.54
N GLY A 517 14.10 1.49 17.52
CA GLY A 517 13.49 0.64 16.48
C GLY A 517 12.88 1.47 15.34
N VAL A 518 13.50 2.62 15.00
CA VAL A 518 13.08 3.36 13.81
C VAL A 518 14.18 3.62 12.79
N GLY A 519 15.37 3.93 13.26
CA GLY A 519 16.37 4.48 12.36
C GLY A 519 17.01 3.44 11.49
N ARG A 520 18.01 2.75 12.05
CA ARG A 520 18.63 1.65 11.37
C ARG A 520 17.54 0.62 10.94
N THR A 521 16.59 0.40 11.85
CA THR A 521 15.43 -0.50 11.55
C THR A 521 14.77 -0.09 10.25
N GLY A 522 14.50 1.20 10.10
CA GLY A 522 13.93 1.71 8.86
C GLY A 522 14.77 1.50 7.63
N VAL A 523 16.10 1.71 7.75
CA VAL A 523 17.05 1.52 6.66
C VAL A 523 17.06 0.07 6.23
N PHE A 524 17.10 -0.83 7.22
CA PHE A 524 17.06 -2.24 6.92
C PHE A 524 15.78 -2.60 6.11
N ILE A 525 14.63 -2.20 6.64
CA ILE A 525 13.37 -2.52 5.95
C ILE A 525 13.32 -1.79 4.58
N THR A 526 13.77 -0.55 4.54
CA THR A 526 13.79 0.20 3.26
C THR A 526 14.54 -0.48 2.18
N LEU A 527 15.69 -1.04 2.56
CA LEU A 527 16.55 -1.61 1.56
C LEU A 527 16.12 -2.96 1.19
N SER A 528 15.54 -3.67 2.16
CA SER A 528 14.97 -5.00 1.88
C SER A 528 13.90 -4.89 0.77
N ILE A 529 13.12 -3.82 0.82
CA ILE A 529 12.10 -3.62 -0.16
C ILE A 529 12.72 -3.15 -1.48
N VAL A 530 13.44 -2.04 -1.40
CA VAL A 530 14.05 -1.39 -2.55
C VAL A 530 14.88 -2.32 -3.42
N LEU A 531 15.60 -3.22 -2.79
CA LEU A 531 16.54 -3.99 -3.59
C LEU A 531 15.79 -5.08 -4.34
N GLU A 532 14.76 -5.63 -3.72
CA GLU A 532 13.94 -6.57 -4.44
C GLU A 532 13.18 -5.86 -5.59
N ARG A 533 12.69 -4.66 -5.34
CA ARG A 533 11.98 -3.91 -6.38
C ARG A 533 12.92 -3.56 -7.54
N MET A 534 14.16 -3.23 -7.24
CA MET A 534 15.18 -3.10 -8.28
C MET A 534 15.33 -4.43 -9.08
N ARG A 535 15.43 -5.57 -8.43
CA ARG A 535 15.56 -6.87 -9.14
C ARG A 535 14.38 -7.04 -10.12
N TYR A 536 13.18 -6.80 -9.63
CA TYR A 536 12.00 -7.20 -10.39
C TYR A 536 11.41 -6.08 -11.20
N GLU A 537 11.72 -4.82 -10.91
CA GLU A 537 11.19 -3.76 -11.78
C GLU A 537 12.23 -2.93 -12.46
N GLY A 538 13.48 -2.93 -11.98
CA GLY A 538 14.48 -2.01 -12.56
C GLY A 538 14.18 -0.53 -12.33
N VAL A 539 13.44 -0.24 -11.26
CA VAL A 539 13.26 1.14 -10.88
C VAL A 539 13.53 1.23 -9.42
N VAL A 540 13.82 2.46 -8.97
CA VAL A 540 13.96 2.67 -7.54
C VAL A 540 13.26 3.94 -7.13
N ASP A 541 12.64 3.92 -5.97
CA ASP A 541 11.97 5.07 -5.42
C ASP A 541 12.11 4.98 -3.94
N ILE A 542 13.15 5.63 -3.43
CA ILE A 542 13.51 5.47 -2.02
C ILE A 542 12.52 6.28 -1.23
N PHE A 543 12.20 7.44 -1.77
CA PHE A 543 11.38 8.39 -1.01
C PHE A 543 10.00 7.80 -0.73
N GLN A 544 9.44 7.18 -1.75
CA GLN A 544 8.09 6.62 -1.55
C GLN A 544 8.11 5.41 -0.57
N THR A 545 9.21 4.65 -0.63
CA THR A 545 9.37 3.51 0.25
C THR A 545 9.37 4.01 1.70
N VAL A 546 10.05 5.14 1.93
CA VAL A 546 10.17 5.64 3.29
C VAL A 546 8.85 6.23 3.76
N LYS A 547 8.29 6.99 2.85
CA LYS A 547 6.97 7.59 3.04
C LYS A 547 5.97 6.52 3.52
N MET A 548 5.92 5.42 2.78
CA MET A 548 5.16 4.21 3.17
C MET A 548 5.44 3.64 4.55
N LEU A 549 6.71 3.37 4.82
CA LEU A 549 7.06 2.89 6.16
C LEU A 549 6.51 3.83 7.19
N ARG A 550 6.58 5.11 6.90
CA ARG A 550 6.07 6.04 7.91
C ARG A 550 4.53 6.08 8.05
N THR A 551 3.84 5.39 7.17
CA THR A 551 2.40 5.16 7.38
C THR A 551 2.18 4.02 8.37
N GLN A 552 3.21 3.24 8.69
CA GLN A 552 3.01 2.07 9.54
C GLN A 552 3.76 2.22 10.86
N ARG A 553 4.84 2.99 10.87
CA ARG A 553 5.52 3.32 12.16
C ARG A 553 6.16 4.71 12.05
N PRO A 554 6.06 5.53 13.10
CA PRO A 554 6.60 6.89 12.94
C PRO A 554 8.14 6.90 12.87
N ALA A 555 8.68 7.96 12.24
CA ALA A 555 10.12 8.29 12.22
C ALA A 555 11.05 7.21 11.58
N MET A 556 10.47 6.29 10.78
CA MET A 556 11.28 5.28 10.12
C MET A 556 12.27 5.95 9.16
N VAL A 557 13.55 5.64 9.36
CA VAL A 557 14.68 6.29 8.76
C VAL A 557 14.82 7.71 9.31
N GLN A 558 15.37 7.75 10.51
CA GLN A 558 15.54 8.93 11.32
C GLN A 558 16.38 10.10 10.80
N THR A 559 17.41 9.88 9.99
CA THR A 559 18.39 10.97 9.72
C THR A 559 18.71 11.05 8.26
N GLU A 560 19.23 12.21 7.84
CA GLU A 560 19.65 12.41 6.46
C GLU A 560 20.68 11.44 5.99
N ASP A 561 21.67 11.19 6.87
CA ASP A 561 22.79 10.32 6.52
C ASP A 561 22.21 8.89 6.27
N GLU A 562 21.36 8.46 7.17
CA GLU A 562 20.57 7.22 7.01
C GLU A 562 19.86 7.18 5.65
N TYR A 563 19.18 8.26 5.30
CA TYR A 563 18.48 8.31 4.03
C TYR A 563 19.47 8.21 2.89
N GLN A 564 20.52 9.03 2.99
CA GLN A 564 21.55 8.96 1.95
C GLN A 564 22.17 7.58 1.84
N PHE A 565 22.25 6.87 2.97
CA PHE A 565 22.93 5.59 2.88
C PHE A 565 22.10 4.57 2.00
N ALA A 566 20.78 4.66 2.12
CA ALA A 566 19.89 3.82 1.37
C ALA A 566 20.17 4.01 -0.10
N TYR A 567 20.22 5.27 -0.56
CA TYR A 567 20.69 5.58 -1.91
C TYR A 567 22.05 4.98 -2.28
N GLN A 568 23.00 5.15 -1.36
CA GLN A 568 24.35 4.60 -1.52
C GLN A 568 24.32 3.09 -1.78
N ALA A 569 23.55 2.37 -0.97
CA ALA A 569 23.52 0.92 -1.00
C ALA A 569 22.78 0.45 -2.26
N ALA A 570 21.67 1.13 -2.55
CA ALA A 570 20.93 0.93 -3.80
C ALA A 570 21.92 1.09 -4.97
N LEU A 571 22.69 2.17 -4.94
CA LEU A 571 23.74 2.37 -5.95
C LEU A 571 24.78 1.24 -6.04
N GLU A 572 25.42 0.92 -4.93
CA GLU A 572 26.38 -0.17 -4.97
C GLU A 572 25.73 -1.45 -5.43
N TYR A 573 24.49 -1.72 -5.03
CA TYR A 573 23.87 -2.99 -5.42
C TYR A 573 23.68 -3.04 -6.93
N LEU A 574 23.36 -1.89 -7.50
CA LEU A 574 23.26 -1.79 -8.95
C LEU A 574 24.61 -2.19 -9.58
N GLY A 575 25.69 -1.67 -9.01
CA GLY A 575 27.07 -2.13 -9.32
C GLY A 575 27.32 -3.60 -9.67
N SER A 576 26.81 -4.54 -8.86
CA SER A 576 26.96 -5.98 -9.13
C SER A 576 26.21 -6.42 -10.38
#